data_7X5B
#
_entry.id   7X5B
#
_cell.length_a   85.677
_cell.length_b   85.677
_cell.length_c   76.973
_cell.angle_alpha   90.000
_cell.angle_beta   90.000
_cell.angle_gamma   120.000
#
_symmetry.space_group_name_H-M   'P 65'
#
loop_
_entity.id
_entity.type
_entity.pdbx_description
1 polymer 'Holliday junction ATP-dependent DNA helicase RuvB'
2 non-polymer "ADENOSINE-5'-DIPHOSPHATE"
3 water water
#
_entity_poly.entity_id   1
_entity_poly.type   'polypeptide(L)'
_entity_poly.pdbx_seq_one_letter_code
;MIEPDRLISAVSGRERDEQLDRAIRPLKLADYIGQPSVREQMELFIHAARGRQEALDHTLIFGPPGLGKTTLANIIAQEM
GVSIKSTSGPVLERPGDLAALLTNLEAGDVLFVDEIHRLSPIVEEVLYPAMEDFQLDIMIGEGPAGRSIKLDLPPFTLVG
ATTRAGMLTNPLRDRFGIVQRLEFYNVEDLATIVSRSAGILGLEIEPQGAAEIAKRARGTPRIANRLLRRVRDFAEVRGQ
GDITRVIADKALNLLDVDERGFDHLDRRLLLTMIDKFDGGPVGIDNLAAALSEERHTIEDVLEPYLIQQGYIMRTPRGRV
VTRHAYLHFGLNIPKRLGPGVTTDLFTSEDGN
;
_entity_poly.pdbx_strand_id   A
#
loop_
_chem_comp.id
_chem_comp.type
_chem_comp.name
_chem_comp.formula
ADP non-polymer ADENOSINE-5'-DIPHOSPHATE 'C10 H15 N5 O10 P2'
#
# COMPACT_ATOMS: atom_id res chain seq x y z
N ARG A 22 -21.64 -2.37 -8.85
CA ARG A 22 -21.55 -1.61 -7.61
C ARG A 22 -20.16 -1.73 -6.97
N ALA A 23 -19.13 -1.97 -7.79
CA ALA A 23 -17.77 -2.09 -7.31
C ALA A 23 -17.11 -0.72 -7.22
N ILE A 24 -16.40 -0.47 -6.12
CA ILE A 24 -15.83 0.86 -5.87
C ILE A 24 -14.35 0.94 -6.18
N ARG A 25 -13.67 -0.18 -6.34
CA ARG A 25 -12.26 -0.16 -6.73
C ARG A 25 -12.12 0.36 -8.16
N PRO A 26 -11.28 1.38 -8.40
CA PRO A 26 -11.10 1.88 -9.78
C PRO A 26 -10.62 0.77 -10.69
N LEU A 27 -11.17 0.76 -11.91
CA LEU A 27 -10.76 -0.17 -12.95
C LEU A 27 -10.07 0.51 -14.12
N LYS A 28 -10.31 1.79 -14.35
CA LYS A 28 -9.61 2.58 -15.35
C LYS A 28 -8.86 3.71 -14.67
N LEU A 29 -7.85 4.21 -15.38
CA LEU A 29 -6.99 5.27 -14.85
C LEU A 29 -7.75 6.57 -14.62
N ALA A 30 -8.87 6.78 -15.32
CA ALA A 30 -9.66 8.00 -15.09
C ALA A 30 -10.35 8.00 -13.73
N ASP A 31 -10.51 6.85 -13.07
CA ASP A 31 -11.12 6.82 -11.75
C ASP A 31 -10.10 6.75 -10.63
N TYR A 32 -8.80 6.83 -10.96
CA TYR A 32 -7.72 6.76 -9.97
C TYR A 32 -7.49 8.16 -9.42
N ILE A 33 -8.19 8.49 -8.32
CA ILE A 33 -8.17 9.82 -7.72
C ILE A 33 -6.96 9.98 -6.79
N GLY A 34 -6.43 11.20 -6.75
CA GLY A 34 -5.58 11.64 -5.65
C GLY A 34 -4.10 11.29 -5.77
N GLN A 35 -3.65 10.79 -6.91
CA GLN A 35 -2.23 10.62 -7.21
C GLN A 35 -2.01 11.16 -8.61
N PRO A 36 -2.16 12.48 -8.81
CA PRO A 36 -2.24 13.02 -10.17
C PRO A 36 -0.98 12.79 -10.99
N SER A 37 0.18 12.83 -10.34
CA SER A 37 1.42 12.59 -11.06
C SER A 37 1.51 11.15 -11.53
N VAL A 38 1.11 10.21 -10.68
CA VAL A 38 1.13 8.81 -11.06
C VAL A 38 0.18 8.57 -12.24
N ARG A 39 -1.03 9.10 -12.13
CA ARG A 39 -2.00 8.84 -13.18
C ARG A 39 -1.59 9.50 -14.51
N GLU A 40 -1.12 10.76 -14.47
CA GLU A 40 -0.72 11.40 -15.73
C GLU A 40 0.47 10.68 -16.37
N GLN A 41 1.41 10.20 -15.56
CA GLN A 41 2.55 9.45 -16.11
C GLN A 41 2.09 8.11 -16.69
N MET A 42 1.30 7.35 -15.93
CA MET A 42 0.92 6.02 -16.40
C MET A 42 0.02 6.12 -17.63
N GLU A 43 -0.86 7.11 -17.69
CA GLU A 43 -1.66 7.33 -18.89
C GLU A 43 -0.76 7.51 -20.11
N LEU A 44 0.31 8.30 -19.96
CA LEU A 44 1.23 8.57 -21.06
C LEU A 44 1.99 7.31 -21.47
N PHE A 45 2.60 6.62 -20.51
CA PHE A 45 3.42 5.46 -20.88
C PHE A 45 2.57 4.33 -21.45
N ILE A 46 1.35 4.17 -20.95
CA ILE A 46 0.45 3.14 -21.48
C ILE A 46 0.02 3.51 -22.90
N HIS A 47 -0.38 4.77 -23.12
CA HIS A 47 -0.79 5.15 -24.46
C HIS A 47 0.35 4.98 -25.46
N ALA A 48 1.59 5.31 -25.07
CA ALA A 48 2.73 5.16 -25.99
C ALA A 48 3.01 3.71 -26.31
N ALA A 49 3.00 2.84 -25.29
CA ALA A 49 3.31 1.43 -25.49
C ALA A 49 2.25 0.76 -26.35
N ARG A 50 0.99 1.05 -26.07
CA ARG A 50 -0.09 0.62 -26.96
C ARG A 50 0.13 1.12 -28.38
N GLY A 51 0.49 2.39 -28.53
CA GLY A 51 0.69 2.96 -29.84
C GLY A 51 1.72 2.22 -30.68
N ARG A 52 2.72 1.62 -30.03
CA ARG A 52 3.75 0.83 -30.70
C ARG A 52 3.42 -0.65 -30.77
N GLN A 53 2.28 -1.06 -30.23
CA GLN A 53 1.91 -2.48 -30.14
C GLN A 53 2.98 -3.28 -29.38
N GLU A 54 3.51 -2.69 -28.32
CA GLU A 54 4.50 -3.33 -27.47
C GLU A 54 3.94 -3.48 -26.07
N ALA A 55 4.57 -4.38 -25.31
CA ALA A 55 4.32 -4.46 -23.87
C ALA A 55 4.88 -3.24 -23.15
N LEU A 56 4.21 -2.84 -22.08
CA LEU A 56 4.70 -1.75 -21.25
C LEU A 56 6.00 -2.18 -20.59
N ASP A 57 6.92 -1.21 -20.45
CA ASP A 57 8.14 -1.46 -19.68
C ASP A 57 7.80 -1.92 -18.27
N HIS A 58 8.67 -2.77 -17.71
CA HIS A 58 8.49 -3.27 -16.34
C HIS A 58 8.33 -2.10 -15.38
N THR A 59 7.42 -2.26 -14.42
CA THR A 59 6.94 -1.15 -13.60
C THR A 59 7.02 -1.54 -12.14
N LEU A 60 7.65 -0.67 -11.33
CA LEU A 60 7.75 -0.86 -9.89
C LEU A 60 6.85 0.17 -9.21
N ILE A 61 6.00 -0.28 -8.30
CA ILE A 61 5.10 0.59 -7.54
C ILE A 61 5.40 0.38 -6.07
N PHE A 62 5.75 1.46 -5.35
CA PHE A 62 6.05 1.30 -3.93
C PHE A 62 5.36 2.36 -3.08
N GLY A 63 5.33 2.09 -1.78
CA GLY A 63 4.66 2.92 -0.81
C GLY A 63 3.96 2.07 0.24
N PRO A 64 3.43 2.72 1.27
CA PRO A 64 2.75 1.99 2.36
C PRO A 64 1.57 1.18 1.88
N PRO A 65 1.09 0.22 2.68
CA PRO A 65 -0.04 -0.62 2.24
C PRO A 65 -1.36 0.11 2.27
N GLY A 66 -2.28 -0.36 1.42
CA GLY A 66 -3.59 0.24 1.30
C GLY A 66 -3.63 1.46 0.41
N LEU A 67 -2.50 1.85 -0.18
CA LEU A 67 -2.42 3.04 -1.01
C LEU A 67 -2.90 2.82 -2.44
N GLY A 68 -3.09 1.57 -2.87
CA GLY A 68 -3.58 1.31 -4.21
C GLY A 68 -2.57 0.70 -5.17
N LYS A 69 -1.63 -0.09 -4.66
CA LYS A 69 -0.60 -0.67 -5.52
C LYS A 69 -1.17 -1.83 -6.34
N THR A 70 -1.90 -2.74 -5.69
CA THR A 70 -2.58 -3.81 -6.41
C THR A 70 -3.61 -3.25 -7.37
N THR A 71 -4.36 -2.25 -6.92
CA THR A 71 -5.31 -1.56 -7.78
C THR A 71 -4.63 -1.03 -9.03
N LEU A 72 -3.49 -0.37 -8.86
CA LEU A 72 -2.81 0.22 -10.01
C LEU A 72 -2.27 -0.87 -10.92
N ALA A 73 -1.77 -1.97 -10.36
CA ALA A 73 -1.32 -3.08 -11.17
C ALA A 73 -2.44 -3.60 -12.07
N ASN A 74 -3.66 -3.68 -11.53
CA ASN A 74 -4.77 -4.20 -12.32
C ASN A 74 -5.24 -3.19 -13.34
N ILE A 75 -5.18 -1.90 -13.01
CA ILE A 75 -5.49 -0.88 -14.01
C ILE A 75 -4.51 -0.94 -15.18
N ILE A 76 -3.23 -1.22 -14.89
CA ILE A 76 -2.24 -1.28 -15.97
C ILE A 76 -2.63 -2.35 -16.98
N ALA A 77 -2.96 -3.55 -16.49
CA ALA A 77 -3.40 -4.61 -17.37
C ALA A 77 -4.68 -4.25 -18.09
N GLN A 78 -5.61 -3.58 -17.39
CA GLN A 78 -6.87 -3.19 -18.03
C GLN A 78 -6.64 -2.16 -19.13
N GLU A 79 -5.80 -1.15 -18.85
CA GLU A 79 -5.57 -0.10 -19.86
C GLU A 79 -4.72 -0.62 -21.01
N MET A 80 -3.81 -1.56 -20.75
CA MET A 80 -3.05 -2.20 -21.82
C MET A 80 -3.88 -3.22 -22.60
N GLY A 81 -5.03 -3.61 -22.07
CA GLY A 81 -5.86 -4.61 -22.73
C GLY A 81 -5.26 -6.01 -22.70
N VAL A 82 -4.58 -6.37 -21.61
CA VAL A 82 -3.94 -7.67 -21.51
C VAL A 82 -4.39 -8.36 -20.22
N SER A 83 -3.93 -9.59 -20.04
CA SER A 83 -4.21 -10.35 -18.83
C SER A 83 -3.20 -10.02 -17.74
N ILE A 84 -3.60 -10.24 -16.49
CA ILE A 84 -2.70 -10.09 -15.36
C ILE A 84 -2.69 -11.39 -14.58
N LYS A 85 -1.51 -11.94 -14.34
CA LYS A 85 -1.32 -13.03 -13.39
C LYS A 85 -0.72 -12.43 -12.13
N SER A 86 -1.37 -12.65 -10.99
CA SER A 86 -0.95 -12.05 -9.74
C SER A 86 -0.28 -13.12 -8.88
N THR A 87 0.85 -12.77 -8.28
CA THR A 87 1.56 -13.66 -7.40
C THR A 87 2.24 -12.80 -6.33
N SER A 88 3.09 -13.43 -5.53
CA SER A 88 3.69 -12.78 -4.39
C SER A 88 5.07 -13.39 -4.17
N GLY A 89 5.97 -12.60 -3.59
CA GLY A 89 7.28 -13.07 -3.20
C GLY A 89 7.27 -14.45 -2.54
N PRO A 90 6.68 -14.55 -1.35
CA PRO A 90 6.72 -15.83 -0.60
C PRO A 90 6.04 -17.00 -1.31
N VAL A 91 5.12 -16.75 -2.23
CA VAL A 91 4.52 -17.84 -2.99
C VAL A 91 5.55 -18.54 -3.88
N LEU A 92 6.65 -17.88 -4.21
CA LEU A 92 7.66 -18.46 -5.10
C LEU A 92 8.82 -18.97 -4.25
N GLU A 93 8.75 -20.24 -3.88
CA GLU A 93 9.79 -20.81 -3.02
C GLU A 93 11.04 -21.18 -3.82
N ARG A 94 10.88 -21.76 -5.00
CA ARG A 94 12.00 -22.26 -5.78
C ARG A 94 11.97 -21.67 -7.19
N PRO A 95 13.14 -21.56 -7.83
CA PRO A 95 13.21 -20.94 -9.17
C PRO A 95 12.18 -21.45 -10.16
N GLY A 96 11.88 -22.76 -10.12
CA GLY A 96 10.89 -23.34 -11.01
C GLY A 96 9.47 -22.84 -10.78
N ASP A 97 9.16 -22.37 -9.56
CA ASP A 97 7.86 -21.76 -9.35
C ASP A 97 7.69 -20.51 -10.21
N LEU A 98 8.72 -19.66 -10.26
CA LEU A 98 8.68 -18.49 -11.12
C LEU A 98 8.68 -18.89 -12.59
N ALA A 99 9.52 -19.86 -12.95
CA ALA A 99 9.66 -20.29 -14.34
C ALA A 99 8.34 -20.76 -14.91
N ALA A 100 7.52 -21.42 -14.11
CA ALA A 100 6.23 -21.90 -14.61
C ALA A 100 5.27 -20.75 -14.88
N LEU A 101 5.31 -19.70 -14.07
CA LEU A 101 4.47 -18.54 -14.36
C LEU A 101 4.93 -17.85 -15.63
N LEU A 102 6.24 -17.66 -15.78
CA LEU A 102 6.78 -16.92 -16.91
C LEU A 102 6.48 -17.63 -18.23
N THR A 103 6.55 -18.97 -18.23
CA THR A 103 6.30 -19.71 -19.47
C THR A 103 4.82 -19.85 -19.78
N ASN A 104 3.92 -19.48 -18.87
CA ASN A 104 2.48 -19.51 -19.16
C ASN A 104 1.94 -18.16 -19.56
N LEU A 105 2.78 -17.14 -19.67
CA LEU A 105 2.34 -15.81 -20.04
C LEU A 105 2.12 -15.71 -21.54
N GLU A 106 1.12 -14.93 -21.92
CA GLU A 106 0.95 -14.56 -23.33
C GLU A 106 1.69 -13.26 -23.61
N ALA A 107 1.96 -13.01 -24.89
CA ALA A 107 2.73 -11.84 -25.29
C ALA A 107 2.02 -10.56 -24.86
N GLY A 108 2.67 -9.77 -24.01
CA GLY A 108 2.11 -8.54 -23.51
C GLY A 108 1.45 -8.63 -22.15
N ASP A 109 1.29 -9.83 -21.61
CA ASP A 109 0.64 -10.00 -20.32
C ASP A 109 1.42 -9.31 -19.21
N VAL A 110 0.71 -9.00 -18.13
CA VAL A 110 1.30 -8.45 -16.92
C VAL A 110 1.50 -9.58 -15.93
N LEU A 111 2.71 -9.71 -15.41
CA LEU A 111 2.99 -10.58 -14.27
C LEU A 111 3.14 -9.69 -13.06
N PHE A 112 2.16 -9.73 -12.16
CA PHE A 112 2.17 -8.88 -10.98
C PHE A 112 2.78 -9.65 -9.80
N VAL A 113 3.89 -9.16 -9.27
CA VAL A 113 4.51 -9.79 -8.10
C VAL A 113 4.40 -8.82 -6.94
N ASP A 114 3.42 -9.05 -6.06
CA ASP A 114 3.32 -8.29 -4.82
C ASP A 114 4.44 -8.68 -3.88
N GLU A 115 4.73 -7.79 -2.93
CA GLU A 115 5.74 -8.02 -1.90
C GLU A 115 7.05 -8.51 -2.52
N ILE A 116 7.45 -7.83 -3.60
CA ILE A 116 8.53 -8.38 -4.44
C ILE A 116 9.87 -8.41 -3.69
N HIS A 117 10.04 -7.61 -2.65
CA HIS A 117 11.29 -7.67 -1.89
C HIS A 117 11.47 -8.98 -1.16
N ARG A 118 10.40 -9.73 -0.91
CA ARG A 118 10.45 -11.03 -0.25
C ARG A 118 10.83 -12.17 -1.19
N LEU A 119 11.32 -11.87 -2.38
CA LEU A 119 11.86 -12.93 -3.23
C LEU A 119 13.19 -13.39 -2.63
N SER A 120 13.36 -14.70 -2.54
CA SER A 120 14.64 -15.23 -2.10
C SER A 120 15.72 -14.85 -3.10
N PRO A 121 16.94 -14.60 -2.64
CA PRO A 121 18.02 -14.18 -3.55
C PRO A 121 18.19 -15.08 -4.77
N ILE A 122 17.91 -16.38 -4.65
CA ILE A 122 18.10 -17.27 -5.79
C ILE A 122 16.93 -17.21 -6.75
N VAL A 123 15.70 -17.05 -6.25
CA VAL A 123 14.55 -16.91 -7.13
C VAL A 123 14.64 -15.60 -7.91
N GLU A 124 15.11 -14.54 -7.25
CA GLU A 124 15.23 -13.24 -7.89
C GLU A 124 16.25 -13.27 -9.03
N GLU A 125 17.24 -14.17 -8.96
CA GLU A 125 18.23 -14.32 -10.04
C GLU A 125 17.57 -14.73 -11.35
N VAL A 126 16.50 -15.52 -11.29
CA VAL A 126 15.78 -15.89 -12.51
C VAL A 126 15.14 -14.65 -13.14
N LEU A 127 14.83 -13.65 -12.32
CA LEU A 127 14.07 -12.50 -12.83
C LEU A 127 14.92 -11.61 -13.72
N TYR A 128 16.24 -11.53 -13.49
CA TYR A 128 17.06 -10.57 -14.21
C TYR A 128 17.07 -10.82 -15.71
N PRO A 129 17.39 -12.02 -16.22
CA PRO A 129 17.34 -12.20 -17.68
C PRO A 129 15.94 -12.23 -18.26
N ALA A 130 14.94 -12.70 -17.50
CA ALA A 130 13.56 -12.62 -17.97
C ALA A 130 13.15 -11.18 -18.26
N MET A 131 13.42 -10.27 -17.32
CA MET A 131 13.04 -8.88 -17.50
C MET A 131 13.88 -8.23 -18.60
N GLU A 132 15.19 -8.46 -18.57
CA GLU A 132 16.16 -7.76 -19.42
C GLU A 132 16.11 -8.27 -20.86
N ASP A 133 16.06 -9.58 -21.04
CA ASP A 133 16.25 -10.21 -22.35
C ASP A 133 15.04 -11.00 -22.84
N PHE A 134 13.97 -11.11 -22.04
CA PHE A 134 12.85 -12.01 -22.35
C PHE A 134 13.34 -13.44 -22.57
N GLN A 135 14.23 -13.90 -21.70
CA GLN A 135 14.77 -15.26 -21.74
C GLN A 135 14.73 -15.88 -20.35
N LEU A 136 14.41 -17.16 -20.28
CA LEU A 136 14.44 -17.92 -19.04
C LEU A 136 15.72 -18.77 -18.96
N ASP A 137 16.45 -18.64 -17.86
CA ASP A 137 17.72 -19.33 -17.65
C ASP A 137 17.64 -19.96 -16.26
N ILE A 138 17.37 -21.26 -16.21
CA ILE A 138 17.07 -21.96 -14.97
C ILE A 138 17.83 -23.27 -14.93
N MET A 139 18.37 -23.61 -13.76
CA MET A 139 19.04 -24.88 -13.56
C MET A 139 18.01 -25.99 -13.33
N ILE A 140 18.39 -27.21 -13.67
CA ILE A 140 17.53 -28.37 -13.43
C ILE A 140 18.34 -29.54 -12.87
N GLY A 146 23.31 -31.71 -13.08
CA GLY A 146 22.85 -30.33 -13.10
C GLY A 146 23.19 -29.60 -14.38
N ARG A 147 22.15 -29.28 -15.16
CA ARG A 147 22.31 -28.57 -16.41
C ARG A 147 21.44 -27.31 -16.43
N SER A 148 21.93 -26.27 -17.09
CA SER A 148 21.17 -25.06 -17.31
C SER A 148 20.44 -25.13 -18.64
N ILE A 149 19.19 -24.68 -18.64
CA ILE A 149 18.38 -24.62 -19.85
C ILE A 149 17.99 -23.17 -20.10
N LYS A 150 18.01 -22.77 -21.37
CA LYS A 150 17.70 -21.41 -21.79
C LYS A 150 16.51 -21.44 -22.73
N LEU A 151 15.48 -20.65 -22.43
CA LEU A 151 14.25 -20.62 -23.21
C LEU A 151 13.86 -19.18 -23.54
N ASP A 152 13.36 -18.98 -24.75
CA ASP A 152 12.84 -17.68 -25.16
C ASP A 152 11.48 -17.43 -24.51
N LEU A 153 11.29 -16.21 -24.00
CA LEU A 153 9.99 -15.85 -23.46
C LEU A 153 9.32 -14.82 -24.36
N PRO A 154 8.00 -14.77 -24.37
CA PRO A 154 7.31 -13.70 -25.08
C PRO A 154 7.48 -12.40 -24.33
N PRO A 155 7.33 -11.25 -25.00
CA PRO A 155 7.37 -9.98 -24.27
C PRO A 155 6.28 -9.95 -23.21
N PHE A 156 6.59 -9.31 -22.09
CA PHE A 156 5.64 -9.23 -20.99
C PHE A 156 6.03 -8.07 -20.10
N THR A 157 5.13 -7.73 -19.17
CA THR A 157 5.33 -6.62 -18.24
C THR A 157 5.36 -7.17 -16.82
N LEU A 158 6.51 -7.04 -16.16
CA LEU A 158 6.62 -7.38 -14.75
C LEU A 158 6.20 -6.16 -13.95
N VAL A 159 5.12 -6.28 -13.17
CA VAL A 159 4.73 -5.23 -12.25
C VAL A 159 5.08 -5.70 -10.84
N GLY A 160 6.01 -5.00 -10.21
CA GLY A 160 6.40 -5.32 -8.85
C GLY A 160 5.83 -4.30 -7.89
N ALA A 161 5.43 -4.74 -6.70
CA ALA A 161 5.02 -3.85 -5.66
C ALA A 161 5.72 -4.22 -4.36
N THR A 162 6.00 -3.19 -3.55
CA THR A 162 6.67 -3.40 -2.28
C THR A 162 6.32 -2.22 -1.38
N THR A 163 6.44 -2.44 -0.07
CA THR A 163 6.07 -1.43 0.91
C THR A 163 7.05 -0.27 1.00
N ARG A 164 8.28 -0.41 0.49
CA ARG A 164 9.08 0.72 0.02
C ARG A 164 10.34 0.19 -0.63
N ALA A 165 10.80 0.88 -1.66
CA ALA A 165 11.76 0.30 -2.60
C ALA A 165 13.12 0.04 -1.99
N GLY A 166 13.45 0.66 -0.86
CA GLY A 166 14.82 0.63 -0.37
C GLY A 166 15.35 -0.76 -0.05
N MET A 167 14.47 -1.73 0.20
CA MET A 167 14.87 -3.10 0.51
C MET A 167 14.98 -3.98 -0.72
N LEU A 168 15.06 -3.40 -1.92
CA LEU A 168 15.34 -4.17 -3.11
C LEU A 168 16.82 -4.11 -3.41
N THR A 169 17.33 -5.18 -4.01
CA THR A 169 18.71 -5.13 -4.50
C THR A 169 18.82 -4.11 -5.63
N ASN A 170 20.00 -3.52 -5.76
CA ASN A 170 20.31 -2.67 -6.90
C ASN A 170 20.03 -3.35 -8.24
N PRO A 171 20.43 -4.61 -8.48
CA PRO A 171 20.14 -5.22 -9.79
C PRO A 171 18.67 -5.25 -10.14
N LEU A 172 17.82 -5.75 -9.24
CA LEU A 172 16.39 -5.80 -9.55
C LEU A 172 15.82 -4.41 -9.76
N ARG A 173 16.08 -3.51 -8.81
CA ARG A 173 15.56 -2.15 -8.87
C ARG A 173 15.91 -1.47 -10.20
N ASP A 174 17.15 -1.68 -10.68
CA ASP A 174 17.56 -0.96 -11.87
C ASP A 174 16.94 -1.51 -13.14
N ARG A 175 16.31 -2.68 -13.09
CA ARG A 175 15.73 -3.32 -14.27
C ARG A 175 14.28 -2.92 -14.53
N PHE A 176 13.73 -2.03 -13.72
CA PHE A 176 12.40 -1.51 -13.97
C PHE A 176 12.51 -0.21 -14.75
N GLY A 177 11.79 -0.13 -15.87
CA GLY A 177 11.84 1.10 -16.67
C GLY A 177 10.95 2.20 -16.16
N ILE A 178 9.91 1.86 -15.40
CA ILE A 178 8.95 2.82 -14.85
C ILE A 178 8.84 2.58 -13.36
N VAL A 179 8.97 3.64 -12.55
CA VAL A 179 8.92 3.53 -11.10
C VAL A 179 7.91 4.55 -10.60
N GLN A 180 6.87 4.07 -9.91
CA GLN A 180 5.86 4.96 -9.35
C GLN A 180 5.89 4.91 -7.83
N ARG A 181 5.86 6.09 -7.21
CA ARG A 181 5.84 6.26 -5.76
C ARG A 181 4.45 6.70 -5.32
N LEU A 182 3.84 5.93 -4.44
CA LEU A 182 2.55 6.27 -3.85
C LEU A 182 2.77 6.83 -2.45
N GLU A 183 2.12 7.96 -2.15
CA GLU A 183 2.21 8.58 -0.84
C GLU A 183 0.84 8.52 -0.17
N PHE A 184 0.84 8.66 1.16
CA PHE A 184 -0.40 8.84 1.90
C PHE A 184 -1.22 9.94 1.24
N TYR A 185 -2.53 9.73 1.19
CA TYR A 185 -3.41 10.68 0.52
C TYR A 185 -3.72 11.83 1.47
N ASN A 186 -3.93 13.02 0.91
CA ASN A 186 -4.37 14.09 1.79
C ASN A 186 -5.89 13.98 2.02
N VAL A 187 -6.35 14.70 3.04
CA VAL A 187 -7.73 14.46 3.50
C VAL A 187 -8.73 14.91 2.45
N GLU A 188 -8.38 15.90 1.64
CA GLU A 188 -9.34 16.39 0.65
C GLU A 188 -9.57 15.35 -0.45
N ASP A 189 -8.49 14.68 -0.88
CA ASP A 189 -8.64 13.63 -1.90
C ASP A 189 -9.34 12.40 -1.34
N LEU A 190 -9.11 12.06 -0.07
CA LEU A 190 -9.85 10.97 0.56
C LEU A 190 -11.34 11.28 0.60
N ALA A 191 -11.71 12.52 0.94
CA ALA A 191 -13.12 12.90 0.91
C ALA A 191 -13.70 12.70 -0.49
N THR A 192 -12.94 13.06 -1.52
CA THR A 192 -13.40 12.87 -2.89
C THR A 192 -13.64 11.40 -3.19
N ILE A 193 -12.73 10.54 -2.72
CA ILE A 193 -12.89 9.10 -2.92
C ILE A 193 -14.09 8.59 -2.14
N VAL A 194 -14.23 9.01 -0.88
CA VAL A 194 -15.37 8.62 -0.07
C VAL A 194 -16.67 9.06 -0.73
N SER A 195 -16.70 10.30 -1.23
CA SER A 195 -17.91 10.80 -1.88
C SER A 195 -18.24 9.99 -3.12
N ARG A 196 -17.22 9.65 -3.92
CA ARG A 196 -17.45 8.84 -5.12
C ARG A 196 -17.95 7.44 -4.77
N SER A 197 -17.39 6.83 -3.71
CA SER A 197 -17.84 5.50 -3.33
C SER A 197 -19.28 5.54 -2.80
N ALA A 198 -19.62 6.58 -2.05
CA ALA A 198 -20.99 6.69 -1.55
C ALA A 198 -21.97 6.87 -2.70
N GLY A 199 -21.55 7.55 -3.77
CA GLY A 199 -22.41 7.67 -4.94
C GLY A 199 -22.64 6.35 -5.64
N ILE A 200 -21.55 5.58 -5.82
CA ILE A 200 -21.66 4.26 -6.44
C ILE A 200 -22.50 3.32 -5.58
N LEU A 201 -22.37 3.43 -4.25
CA LEU A 201 -23.17 2.60 -3.37
C LEU A 201 -24.61 3.10 -3.26
N GLY A 202 -24.94 4.21 -3.91
CA GLY A 202 -26.28 4.76 -3.81
C GLY A 202 -26.60 5.37 -2.46
N LEU A 203 -25.62 6.03 -1.84
CA LEU A 203 -25.77 6.64 -0.52
C LEU A 203 -25.77 8.16 -0.63
N GLU A 204 -26.69 8.80 0.09
CA GLU A 204 -26.63 10.25 0.28
C GLU A 204 -25.61 10.59 1.36
N ILE A 205 -24.71 11.51 1.04
CA ILE A 205 -23.63 11.87 1.97
C ILE A 205 -23.43 13.38 1.92
N GLU A 206 -23.29 13.98 3.06
CA GLU A 206 -23.00 15.39 3.15
C GLU A 206 -21.48 15.61 3.09
N PRO A 207 -21.04 16.73 2.53
CA PRO A 207 -19.59 16.98 2.41
C PRO A 207 -18.86 16.86 3.73
N GLN A 208 -19.46 17.32 4.83
CA GLN A 208 -18.86 17.20 6.14
C GLN A 208 -18.83 15.76 6.63
N GLY A 209 -19.74 14.90 6.16
CA GLY A 209 -19.66 13.48 6.47
C GLY A 209 -18.50 12.83 5.74
N ALA A 210 -18.30 13.17 4.46
CA ALA A 210 -17.13 12.69 3.74
C ALA A 210 -15.85 13.13 4.44
N ALA A 211 -15.79 14.39 4.90
CA ALA A 211 -14.57 14.89 5.52
C ALA A 211 -14.30 14.21 6.86
N GLU A 212 -15.35 13.90 7.63
CA GLU A 212 -15.16 13.23 8.91
C GLU A 212 -14.51 11.86 8.74
N ILE A 213 -15.00 11.06 7.78
CA ILE A 213 -14.36 9.78 7.46
C ILE A 213 -12.93 10.01 6.97
N ALA A 214 -12.74 10.94 6.02
CA ALA A 214 -11.43 11.15 5.43
C ALA A 214 -10.40 11.53 6.48
N LYS A 215 -10.81 12.40 7.42
CA LYS A 215 -9.92 12.85 8.48
C LYS A 215 -9.40 11.69 9.33
N ARG A 216 -10.18 10.60 9.43
CA ARG A 216 -9.87 9.52 10.35
C ARG A 216 -9.53 8.23 9.62
N ALA A 217 -9.17 8.33 8.35
CA ALA A 217 -8.94 7.15 7.53
C ALA A 217 -7.47 6.83 7.35
N ARG A 218 -6.58 7.49 8.11
CA ARG A 218 -5.18 7.07 8.18
C ARG A 218 -4.47 7.21 6.83
N GLY A 219 -4.84 8.22 6.05
CA GLY A 219 -4.20 8.51 4.78
C GLY A 219 -4.43 7.50 3.68
N THR A 220 -5.38 6.58 3.85
CA THR A 220 -5.45 5.38 3.01
C THR A 220 -6.83 5.19 2.38
N PRO A 221 -6.92 5.01 1.06
CA PRO A 221 -8.23 4.79 0.45
C PRO A 221 -8.86 3.48 0.87
N ARG A 222 -8.05 2.47 1.16
CA ARG A 222 -8.58 1.18 1.60
C ARG A 222 -9.34 1.33 2.91
N ILE A 223 -8.79 2.09 3.85
CA ILE A 223 -9.41 2.30 5.14
C ILE A 223 -10.60 3.22 5.01
N ALA A 224 -10.47 4.29 4.23
CA ALA A 224 -11.56 5.23 4.01
C ALA A 224 -12.79 4.53 3.44
N ASN A 225 -12.59 3.66 2.45
CA ASN A 225 -13.69 2.89 1.87
C ASN A 225 -14.29 1.91 2.88
N ARG A 226 -13.44 1.18 3.60
CA ARG A 226 -13.95 0.25 4.60
C ARG A 226 -14.73 1.00 5.68
N LEU A 227 -14.19 2.14 6.14
CA LEU A 227 -14.89 2.95 7.13
C LEU A 227 -16.22 3.47 6.60
N LEU A 228 -16.26 3.85 5.32
CA LEU A 228 -17.54 4.25 4.73
C LEU A 228 -18.59 3.15 4.82
N ARG A 229 -18.19 1.89 4.56
CA ARG A 229 -19.16 0.79 4.59
C ARG A 229 -19.72 0.61 6.00
N ARG A 230 -18.89 0.81 7.02
CA ARG A 230 -19.36 0.65 8.39
C ARG A 230 -20.18 1.86 8.85
N VAL A 231 -19.79 3.08 8.44
CA VAL A 231 -20.63 4.24 8.72
C VAL A 231 -21.98 4.10 8.04
N ARG A 232 -22.02 3.57 6.81
CA ARG A 232 -23.31 3.33 6.15
C ARG A 232 -24.20 2.43 6.98
N ASP A 233 -23.63 1.36 7.57
CA ASP A 233 -24.39 0.49 8.45
C ASP A 233 -24.97 1.25 9.63
N PHE A 234 -24.15 2.08 10.29
CA PHE A 234 -24.64 2.88 11.40
C PHE A 234 -25.79 3.78 10.94
N ALA A 235 -25.61 4.45 9.80
CA ALA A 235 -26.62 5.39 9.32
C ALA A 235 -27.93 4.68 9.03
N GLU A 236 -27.88 3.45 8.55
CA GLU A 236 -29.07 2.72 8.15
C GLU A 236 -29.79 2.09 9.34
N VAL A 237 -29.04 1.63 10.35
CA VAL A 237 -29.70 1.03 11.50
C VAL A 237 -30.09 2.08 12.52
N ARG A 238 -29.26 3.11 12.75
CA ARG A 238 -29.47 4.05 13.83
C ARG A 238 -29.86 5.45 13.39
N GLY A 239 -29.68 5.79 12.12
CA GLY A 239 -30.00 7.12 11.69
C GLY A 239 -31.10 7.10 10.66
N GLN A 240 -30.91 7.84 9.58
CA GLN A 240 -31.92 7.99 8.56
C GLN A 240 -31.44 7.46 7.21
N GLY A 241 -30.27 6.84 7.17
CA GLY A 241 -29.73 6.26 5.96
C GLY A 241 -28.73 7.12 5.23
N ASP A 242 -28.65 8.42 5.53
CA ASP A 242 -27.71 9.31 4.87
C ASP A 242 -26.52 9.59 5.79
N ILE A 243 -25.37 9.91 5.19
CA ILE A 243 -24.13 10.05 5.93
C ILE A 243 -23.93 11.52 6.30
N THR A 244 -24.04 11.83 7.59
CA THR A 244 -23.76 13.18 8.08
C THR A 244 -22.52 13.15 8.95
N ARG A 245 -22.03 14.34 9.29
CA ARG A 245 -20.85 14.43 10.15
C ARG A 245 -21.10 13.75 11.49
N VAL A 246 -22.25 14.00 12.10
CA VAL A 246 -22.53 13.43 13.41
C VAL A 246 -22.70 11.93 13.33
N ILE A 247 -23.35 11.44 12.27
CA ILE A 247 -23.49 10.00 12.07
C ILE A 247 -22.12 9.36 11.90
N ALA A 248 -21.26 10.00 11.08
CA ALA A 248 -19.92 9.47 10.85
C ALA A 248 -19.11 9.41 12.14
N ASP A 249 -19.19 10.49 12.93
CA ASP A 249 -18.46 10.56 14.19
C ASP A 249 -18.87 9.45 15.14
N LYS A 250 -20.18 9.30 15.37
CA LYS A 250 -20.67 8.26 16.27
C LYS A 250 -20.27 6.87 15.79
N ALA A 251 -20.37 6.63 14.48
CA ALA A 251 -19.98 5.33 13.94
C ALA A 251 -18.51 5.05 14.18
N LEU A 252 -17.65 6.05 13.95
CA LEU A 252 -16.21 5.83 14.12
C LEU A 252 -15.85 5.67 15.60
N ASN A 253 -16.52 6.42 16.48
CA ASN A 253 -16.37 6.20 17.92
C ASN A 253 -16.73 4.77 18.31
N LEU A 254 -17.87 4.27 17.80
CA LEU A 254 -18.25 2.89 18.07
C LEU A 254 -17.19 1.91 17.58
N LEU A 255 -16.59 2.19 16.42
CA LEU A 255 -15.51 1.37 15.85
C LEU A 255 -14.19 1.55 16.58
N ASP A 256 -14.13 2.44 17.57
CA ASP A 256 -12.91 2.70 18.35
C ASP A 256 -11.80 3.25 17.47
N VAL A 257 -12.15 4.13 16.54
CA VAL A 257 -11.21 4.89 15.73
C VAL A 257 -11.27 6.34 16.21
N ASP A 258 -10.16 6.85 16.73
CA ASP A 258 -10.20 8.17 17.35
C ASP A 258 -10.11 9.26 16.28
N GLU A 259 -10.02 10.51 16.73
CA GLU A 259 -10.17 11.65 15.83
C GLU A 259 -8.94 11.89 14.96
N ARG A 260 -7.82 11.21 15.22
CA ARG A 260 -6.67 11.21 14.34
C ARG A 260 -6.64 9.97 13.44
N GLY A 261 -7.65 9.10 13.52
CA GLY A 261 -7.64 7.86 12.76
C GLY A 261 -6.87 6.71 13.38
N PHE A 262 -6.50 6.82 14.66
CA PHE A 262 -5.75 5.76 15.34
C PHE A 262 -6.70 4.68 15.83
N ASP A 263 -6.36 3.43 15.58
CA ASP A 263 -7.15 2.33 16.11
C ASP A 263 -6.50 1.81 17.40
N HIS A 264 -6.98 0.67 17.90
CA HIS A 264 -6.51 0.18 19.19
C HIS A 264 -5.03 -0.18 19.13
N LEU A 265 -4.58 -0.78 18.02
CA LEU A 265 -3.17 -1.14 17.90
C LEU A 265 -2.27 0.09 17.81
N ASP A 266 -2.71 1.14 17.10
CA ASP A 266 -1.91 2.37 17.03
C ASP A 266 -1.70 2.96 18.42
N ARG A 267 -2.79 3.08 19.18
CA ARG A 267 -2.69 3.64 20.53
C ARG A 267 -1.88 2.72 21.44
N ARG A 268 -1.99 1.41 21.26
CA ARG A 268 -1.20 0.51 22.09
C ARG A 268 0.29 0.60 21.77
N LEU A 269 0.63 0.79 20.49
CA LEU A 269 2.02 1.03 20.15
C LEU A 269 2.56 2.26 20.88
N LEU A 270 1.87 3.39 20.77
CA LEU A 270 2.36 4.63 21.38
C LEU A 270 2.43 4.49 22.89
N LEU A 271 1.38 3.94 23.51
CA LEU A 271 1.34 3.83 24.96
C LEU A 271 2.37 2.84 25.48
N THR A 272 2.70 1.81 24.71
CA THR A 272 3.77 0.90 25.11
C THR A 272 5.12 1.64 25.12
N MET A 273 5.40 2.39 24.05
CA MET A 273 6.63 3.19 24.01
C MET A 273 6.68 4.15 25.18
N ILE A 274 5.56 4.78 25.51
CA ILE A 274 5.54 5.74 26.60
C ILE A 274 5.69 5.02 27.95
N ASP A 275 4.91 3.95 28.17
CA ASP A 275 4.85 3.36 29.49
C ASP A 275 6.05 2.46 29.75
N LYS A 276 6.27 1.48 28.88
CA LYS A 276 7.29 0.49 29.11
C LYS A 276 8.70 1.00 28.78
N PHE A 277 8.83 1.97 27.88
CA PHE A 277 10.16 2.39 27.43
C PHE A 277 10.42 3.87 27.65
N ASP A 278 9.61 4.53 28.49
CA ASP A 278 9.83 5.92 28.86
C ASP A 278 9.91 6.84 27.64
N GLY A 279 9.19 6.51 26.57
CA GLY A 279 9.24 7.29 25.34
C GLY A 279 10.28 6.82 24.35
N GLY A 280 11.13 5.88 24.72
CA GLY A 280 12.21 5.46 23.86
C GLY A 280 13.47 6.21 24.23
N PRO A 281 14.56 6.02 23.46
CA PRO A 281 14.67 5.18 22.26
C PRO A 281 14.50 3.68 22.53
N VAL A 282 13.81 2.98 21.65
CA VAL A 282 13.61 1.54 21.81
C VAL A 282 13.77 0.90 20.44
N GLY A 283 14.61 -0.13 20.36
CA GLY A 283 14.85 -0.79 19.09
C GLY A 283 13.65 -1.57 18.63
N ILE A 284 13.63 -1.85 17.32
CA ILE A 284 12.45 -2.44 16.70
C ILE A 284 12.22 -3.86 17.23
N ASP A 285 13.28 -4.58 17.58
CA ASP A 285 13.10 -5.92 18.13
C ASP A 285 12.50 -5.87 19.54
N ASN A 286 12.94 -4.92 20.37
CA ASN A 286 12.37 -4.78 21.70
C ASN A 286 10.88 -4.43 21.63
N LEU A 287 10.51 -3.57 20.69
CA LEU A 287 9.12 -3.15 20.56
C LEU A 287 8.24 -4.29 20.07
N ALA A 288 8.70 -5.04 19.06
CA ALA A 288 7.94 -6.17 18.56
C ALA A 288 7.69 -7.20 19.65
N ALA A 289 8.73 -7.49 20.44
CA ALA A 289 8.57 -8.42 21.55
C ALA A 289 7.61 -7.88 22.59
N ALA A 290 7.77 -6.61 22.96
CA ALA A 290 6.91 -6.03 24.00
C ALA A 290 5.46 -5.90 23.55
N LEU A 291 5.20 -5.92 22.25
CA LEU A 291 3.83 -5.84 21.75
C LEU A 291 3.24 -7.20 21.42
N SER A 292 4.08 -8.22 21.19
CA SER A 292 3.69 -9.47 20.54
C SER A 292 3.14 -9.19 19.14
N GLU A 293 3.92 -8.44 18.36
CA GLU A 293 3.66 -8.28 16.94
C GLU A 293 4.95 -8.54 16.19
N GLU A 294 4.81 -8.82 14.90
CA GLU A 294 6.00 -9.05 14.10
C GLU A 294 6.74 -7.77 13.81
N ARG A 295 8.02 -7.91 13.48
CA ARG A 295 8.81 -6.73 13.17
C ARG A 295 8.23 -6.00 11.96
N HIS A 296 7.82 -6.76 10.95
CA HIS A 296 7.39 -6.14 9.70
C HIS A 296 6.01 -5.49 9.82
N THR A 297 5.16 -5.95 10.74
CA THR A 297 3.88 -5.26 10.85
C THR A 297 4.04 -3.91 11.55
N ILE A 298 4.99 -3.81 12.49
CA ILE A 298 5.30 -2.51 13.06
C ILE A 298 5.93 -1.62 12.00
N GLU A 299 6.94 -2.15 11.29
CA GLU A 299 7.74 -1.35 10.38
C GLU A 299 6.94 -0.93 9.15
N ASP A 300 5.99 -1.76 8.72
CA ASP A 300 5.32 -1.52 7.45
C ASP A 300 3.86 -1.12 7.58
N VAL A 301 3.17 -1.58 8.61
CA VAL A 301 1.76 -1.31 8.78
C VAL A 301 1.50 -0.23 9.81
N LEU A 302 2.23 -0.25 10.93
CA LEU A 302 1.92 0.70 11.99
C LEU A 302 2.70 2.01 11.85
N GLU A 303 4.02 1.93 11.70
CA GLU A 303 4.91 3.07 11.83
C GLU A 303 4.76 4.14 10.75
N PRO A 304 4.69 3.82 9.46
CA PRO A 304 4.93 4.89 8.46
C PRO A 304 3.96 6.05 8.54
N TYR A 305 2.68 5.80 8.84
CA TYR A 305 1.76 6.94 9.06
C TYR A 305 2.10 7.70 10.34
N LEU A 306 2.44 6.98 11.41
CA LEU A 306 2.76 7.63 12.67
C LEU A 306 4.02 8.48 12.55
N ILE A 307 4.97 8.04 11.72
CA ILE A 307 6.16 8.84 11.46
C ILE A 307 5.81 10.04 10.58
N GLN A 308 5.06 9.80 9.50
CA GLN A 308 4.71 10.93 8.62
C GLN A 308 3.99 12.02 9.39
N GLN A 309 3.11 11.66 10.32
CA GLN A 309 2.30 12.60 11.05
C GLN A 309 2.99 13.18 12.29
N GLY A 310 4.23 12.76 12.58
CA GLY A 310 5.00 13.41 13.63
C GLY A 310 4.82 12.85 15.02
N TYR A 311 4.33 11.62 15.17
CA TYR A 311 4.17 11.01 16.50
C TYR A 311 5.34 10.17 16.92
N ILE A 312 6.10 9.64 15.99
CA ILE A 312 7.24 8.77 16.24
C ILE A 312 8.38 9.27 15.37
N MET A 313 9.60 9.21 15.90
CA MET A 313 10.80 9.47 15.12
C MET A 313 11.72 8.25 15.17
N ARG A 314 12.35 7.94 14.04
CA ARG A 314 13.45 6.99 14.03
C ARG A 314 14.75 7.70 14.38
N THR A 315 15.58 7.04 15.18
CA THR A 315 16.93 7.45 15.51
C THR A 315 17.84 6.23 15.41
N PRO A 316 19.17 6.45 15.36
CA PRO A 316 20.08 5.29 15.33
C PRO A 316 19.98 4.41 16.57
N ARG A 317 19.57 4.94 17.70
CA ARG A 317 19.38 4.11 18.88
C ARG A 317 17.98 3.50 18.99
N GLY A 318 17.06 3.83 18.10
CA GLY A 318 15.74 3.24 18.14
C GLY A 318 14.66 4.28 17.92
N ARG A 319 13.41 3.83 18.03
CA ARG A 319 12.26 4.71 17.87
C ARG A 319 12.01 5.47 19.16
N VAL A 320 11.63 6.74 19.02
CA VAL A 320 11.17 7.57 20.13
C VAL A 320 9.80 8.13 19.77
N VAL A 321 8.96 8.35 20.78
CA VAL A 321 7.76 9.16 20.54
C VAL A 321 8.14 10.63 20.65
N THR A 322 7.35 11.48 20.00
CA THR A 322 7.50 12.93 20.11
C THR A 322 6.56 13.46 21.18
N ARG A 323 6.70 14.76 21.47
CA ARG A 323 5.79 15.39 22.43
C ARG A 323 4.35 15.26 21.98
N HIS A 324 4.11 15.19 20.67
CA HIS A 324 2.75 15.09 20.16
C HIS A 324 2.06 13.79 20.55
N ALA A 325 2.83 12.72 20.79
CA ALA A 325 2.22 11.48 21.30
C ALA A 325 1.73 11.68 22.73
N TYR A 326 2.53 12.35 23.57
CA TYR A 326 2.08 12.70 24.91
C TYR A 326 0.82 13.57 24.86
N LEU A 327 0.86 14.65 24.08
CA LEU A 327 -0.26 15.57 23.99
C LEU A 327 -1.52 14.88 23.49
N HIS A 328 -1.38 13.95 22.55
CA HIS A 328 -2.54 13.28 21.99
C HIS A 328 -3.35 12.57 23.07
N PHE A 329 -2.69 12.00 24.06
CA PHE A 329 -3.36 11.27 25.13
C PHE A 329 -3.63 12.14 26.36
N GLY A 330 -3.32 13.43 26.29
CA GLY A 330 -3.52 14.28 27.46
C GLY A 330 -2.55 14.01 28.59
N LEU A 331 -1.35 13.54 28.28
CA LEU A 331 -0.32 13.25 29.27
C LEU A 331 0.65 14.41 29.35
N ASN A 332 1.19 14.64 30.55
CA ASN A 332 2.26 15.62 30.72
C ASN A 332 3.46 15.26 29.84
N ILE A 333 4.06 16.26 29.22
CA ILE A 333 5.27 16.03 28.42
C ILE A 333 6.47 15.92 29.35
N PRO A 334 7.19 14.80 29.36
CA PRO A 334 8.36 14.68 30.23
C PRO A 334 9.46 15.68 29.87
N LYS A 335 10.17 16.12 30.90
CA LYS A 335 11.26 17.09 30.77
C LYS A 335 12.48 16.42 31.39
N ARG A 336 13.32 15.81 30.55
CA ARG A 336 14.47 15.04 31.01
C ARG A 336 15.68 15.29 30.10
N LEU A 337 16.60 14.33 30.05
CA LEU A 337 17.79 14.42 29.21
C LEU A 337 17.96 13.13 28.41
N GLY A 338 18.68 13.24 27.30
CA GLY A 338 18.91 12.09 26.43
C GLY A 338 20.26 11.42 26.62
PB ADP B . -2.23 -1.88 -1.82
O1B ADP B . -2.13 -3.00 -2.84
O2B ADP B . -1.28 -0.73 -2.07
O3B ADP B . -2.25 -2.34 -0.37
PA ADP B . -4.90 -1.82 -2.91
O1A ADP B . -5.18 -3.17 -2.29
O2A ADP B . -4.64 -1.78 -4.39
O3A ADP B . -3.66 -1.15 -2.08
O5' ADP B . -6.09 -0.76 -2.59
C5' ADP B . -7.11 -1.08 -1.64
C4' ADP B . -8.40 -0.29 -1.79
O4' ADP B . -8.12 1.10 -2.05
C3' ADP B . -9.35 -0.81 -2.87
O3' ADP B . -10.70 -0.96 -2.36
C2' ADP B . -9.43 0.32 -3.88
O2' ADP B . -10.82 0.47 -4.11
C1' ADP B . -8.94 1.56 -3.14
N9 ADP B . -8.12 2.54 -3.91
C8 ADP B . -6.78 2.46 -4.07
N7 ADP B . -6.30 3.53 -4.77
C5 ADP B . -7.36 4.33 -5.07
C6 ADP B . -7.55 5.62 -5.78
N6 ADP B . -6.53 6.28 -6.34
N1 ADP B . -8.81 6.10 -5.87
C2 ADP B . -9.86 5.44 -5.31
N3 ADP B . -9.75 4.27 -4.65
C4 ADP B . -8.55 3.67 -4.49
#